data_7A9X
#
_entry.id   7A9X
#
_cell.length_a   106.250
_cell.length_b   106.250
_cell.length_c   128.520
_cell.angle_alpha   90.000
_cell.angle_beta   90.000
_cell.angle_gamma   120.000
#
_symmetry.space_group_name_H-M   'P 31 2 1'
#
loop_
_entity.id
_entity.type
_entity.pdbx_description
1 polymer 'Protein RMD9, mitochondrial'
2 polymer "RNA (5'-R(P*AP*AP*AP*UP*AP*AP*CP*AP*UP*UP*CP*UP*U)-3')"
3 non-polymer 'CHLORIDE ION'
4 water water
#
loop_
_entity_poly.entity_id
_entity_poly.type
_entity_poly.pdbx_seq_one_letter_code
_entity_poly.pdbx_strand_id
1 'polypeptide(L)'
;MSHHHHHHKNVPKGVLDKKNGREQRKTEQNVFNVDPASPWRHELLSFDE(CAS)VSSALKYSTTPLQNTYKRIGNNQLNK
NPSFAMFWDSMGRAMELYYSLRESPDFNAYRVSRLIHLLHNGLRSTRDQLVKLSRKPDYDSQSFHKEMMNFL(CAS)NSL
KDISDDILIGKVSVSGYGATHLLTSFKELSFDDDCIRIWEASKNLSDETTSQAFQEPKVVGFMLPLLYAKTRSLTEPNEL
YNQIIQSKEFIHPNLYSGLIKVFIKAEDYEKALSLFGQL(CAS)EKAEVRNYGYLIETHLSFIGDSKNLTLAESFFDKII
NDEMPYKIILQVSTVNSFLQNIWKAQNDFDHVYRIWEKAVKFYGNTVNPGILSSLNNTFFTIFFENYINDNINGFRKLQE
IITFYSGVKKIDEPFFNVMLTRASIWHERSIIDFIDKNYTLYHIPRTIISYRILLKSLGSIDNTNNEEILDRWLELVKKL
NELGQQYIANADLSALRDATVVWSQSKRDEKVFSAKAKGTPATTTTTEDDIKVPKPLENLKNEDSTSNSEDRIELYLKIL
KRYTPYFRATKQVYRYTTGCAESYPILNEYLSGYSDLSAEDIPVPQLHSFIAKEQ
;
A
2 'polyribonucleotide' AAAAUAACAUUCUUAA B
#
# COMPACT_ATOMS: atom_id res chain seq x y z
N ALA A 37 17.31 -35.81 -27.20
CA ALA A 37 17.60 -34.66 -28.04
C ALA A 37 18.46 -33.65 -27.29
N SER A 38 17.81 -32.85 -26.44
CA SER A 38 18.44 -31.89 -25.54
C SER A 38 19.29 -30.86 -26.28
N PRO A 39 18.68 -29.98 -27.10
CA PRO A 39 19.46 -28.85 -27.65
C PRO A 39 19.62 -27.74 -26.65
N TRP A 40 18.55 -27.46 -25.90
CA TRP A 40 18.54 -26.47 -24.82
C TRP A 40 18.74 -27.13 -23.46
N ARG A 41 19.60 -28.14 -23.36
CA ARG A 41 19.70 -28.91 -22.13
C ARG A 41 20.23 -28.08 -20.98
N HIS A 42 21.35 -27.38 -21.19
CA HIS A 42 21.96 -26.63 -20.09
C HIS A 42 21.05 -25.49 -19.63
N GLU A 43 20.36 -24.84 -20.57
CA GLU A 43 19.45 -23.76 -20.19
C GLU A 43 18.23 -24.30 -19.46
N LEU A 44 17.74 -25.47 -19.87
CA LEU A 44 16.62 -26.09 -19.16
C LEU A 44 17.05 -26.55 -17.77
N LEU A 45 18.26 -27.11 -17.65
CA LEU A 45 18.72 -27.58 -16.36
C LEU A 45 18.94 -26.43 -15.39
N SER A 46 19.57 -25.35 -15.85
CA SER A 46 19.80 -24.19 -14.98
C SER A 46 18.48 -23.51 -14.62
N PHE A 47 17.51 -23.50 -15.54
CA PHE A 47 16.20 -22.92 -15.25
C PHE A 47 15.52 -23.66 -14.11
N ASP A 48 15.59 -24.99 -14.12
CA ASP A 48 14.94 -25.77 -13.07
C ASP A 48 15.60 -25.52 -11.72
N GLU A 49 16.93 -25.44 -11.69
CA GLU A 49 17.65 -25.18 -10.45
C GLU A 49 17.38 -23.76 -9.95
N VAL A 51 14.67 -21.62 -10.62
CA VAL A 51 13.30 -21.44 -10.17
C VAL A 51 13.03 -22.18 -8.86
N SER A 52 13.51 -23.42 -8.78
CA SER A 52 13.28 -24.22 -7.57
C SER A 52 14.01 -23.62 -6.37
N SER A 53 15.21 -23.07 -6.59
CA SER A 53 15.95 -22.48 -5.47
C SER A 53 15.23 -21.25 -4.94
N ALA A 54 14.75 -20.39 -5.83
CA ALA A 54 14.08 -19.17 -5.39
C ALA A 54 12.68 -19.45 -4.87
N LEU A 55 11.99 -20.46 -5.42
CA LEU A 55 10.68 -20.82 -4.90
C LEU A 55 10.80 -21.40 -3.50
N LYS A 56 11.84 -22.21 -3.26
CA LYS A 56 12.03 -22.75 -1.92
C LYS A 56 12.39 -21.66 -0.92
N TYR A 57 13.12 -20.64 -1.36
CA TYR A 57 13.44 -19.52 -0.48
C TYR A 57 12.19 -18.73 -0.11
N SER A 58 11.30 -18.49 -1.08
CA SER A 58 10.15 -17.63 -0.85
C SER A 58 9.02 -18.32 -0.11
N THR A 59 9.06 -19.64 0.03
CA THR A 59 8.03 -20.40 0.73
C THR A 59 8.49 -20.91 2.09
N THR A 60 9.73 -20.65 2.47
CA THR A 60 10.24 -21.08 3.76
C THR A 60 10.66 -19.87 4.60
N PRO A 61 10.34 -19.86 5.89
CA PRO A 61 10.66 -18.74 6.77
C PRO A 61 12.16 -18.59 7.02
N LYS A 76 21.98 -7.07 1.39
CA LYS A 76 21.32 -7.48 2.63
C LYS A 76 21.88 -8.81 3.11
N ASN A 77 21.54 -9.89 2.41
CA ASN A 77 21.94 -11.24 2.77
C ASN A 77 22.22 -12.03 1.51
N PRO A 78 23.09 -13.06 1.59
CA PRO A 78 23.37 -13.86 0.39
C PRO A 78 22.15 -14.59 -0.14
N SER A 79 21.33 -15.16 0.74
CA SER A 79 20.09 -15.79 0.29
C SER A 79 19.12 -14.77 -0.29
N PHE A 80 19.10 -13.56 0.28
CA PHE A 80 18.26 -12.49 -0.25
C PHE A 80 18.72 -12.08 -1.64
N ALA A 81 20.03 -11.95 -1.84
CA ALA A 81 20.57 -11.62 -3.16
C ALA A 81 20.36 -12.76 -4.14
N MET A 82 20.53 -14.00 -3.68
CA MET A 82 20.31 -15.15 -4.56
C MET A 82 18.89 -15.17 -5.09
N PHE A 83 17.90 -14.94 -4.21
CA PHE A 83 16.50 -14.98 -4.61
C PHE A 83 16.21 -13.99 -5.74
N TRP A 84 16.67 -12.75 -5.60
CA TRP A 84 16.36 -11.75 -6.60
C TRP A 84 17.19 -11.94 -7.87
N ASP A 85 18.42 -12.42 -7.75
CA ASP A 85 19.18 -12.72 -8.96
C ASP A 85 18.66 -13.96 -9.66
N SER A 86 18.10 -14.90 -8.92
CA SER A 86 17.51 -16.08 -9.54
C SER A 86 16.29 -15.72 -10.38
N MET A 87 15.62 -14.62 -10.05
CA MET A 87 14.44 -14.22 -10.81
C MET A 87 14.84 -13.64 -12.16
N GLY A 88 15.77 -12.69 -12.17
CA GLY A 88 16.24 -12.14 -13.43
C GLY A 88 16.87 -13.20 -14.33
N ARG A 89 17.64 -14.10 -13.73
CA ARG A 89 18.26 -15.18 -14.51
C ARG A 89 17.21 -16.12 -15.08
N ALA A 90 16.24 -16.53 -14.27
CA ALA A 90 15.16 -17.37 -14.77
C ALA A 90 14.38 -16.66 -15.87
N MET A 91 14.11 -15.37 -15.69
CA MET A 91 13.40 -14.62 -16.72
C MET A 91 14.24 -14.48 -17.98
N GLU A 92 15.56 -14.31 -17.82
CA GLU A 92 16.45 -14.29 -18.96
C GLU A 92 16.43 -15.61 -19.71
N LEU A 93 16.47 -16.73 -18.97
CA LEU A 93 16.40 -18.04 -19.60
C LEU A 93 15.06 -18.28 -20.26
N TYR A 94 14.00 -17.63 -19.77
CA TYR A 94 12.67 -17.85 -20.34
C TYR A 94 12.59 -17.42 -21.79
N TYR A 95 13.17 -16.26 -22.12
CA TYR A 95 13.09 -15.76 -23.49
C TYR A 95 13.86 -16.65 -24.45
N SER A 96 14.85 -17.39 -23.97
CA SER A 96 15.57 -18.36 -24.77
C SER A 96 14.86 -19.71 -24.79
N LEU A 97 14.30 -20.12 -23.64
CA LEU A 97 13.70 -21.44 -23.53
C LEU A 97 12.27 -21.50 -24.05
N ARG A 98 11.64 -20.37 -24.36
CA ARG A 98 10.29 -20.40 -24.90
C ARG A 98 10.27 -20.95 -26.32
N GLU A 99 11.41 -20.99 -27.01
CA GLU A 99 11.49 -21.62 -28.31
C GLU A 99 11.68 -23.13 -28.21
N SER A 100 12.09 -23.62 -27.05
CA SER A 100 12.29 -25.05 -26.87
C SER A 100 10.95 -25.76 -26.72
N PRO A 101 10.81 -26.96 -27.27
CA PRO A 101 9.57 -27.73 -27.05
C PRO A 101 9.48 -28.36 -25.68
N ASP A 102 10.61 -28.63 -25.03
CA ASP A 102 10.63 -29.21 -23.69
C ASP A 102 10.31 -28.18 -22.60
N PHE A 103 9.90 -26.98 -22.98
CA PHE A 103 9.50 -25.96 -22.01
C PHE A 103 8.02 -26.16 -21.68
N ASN A 104 7.76 -27.22 -20.93
CA ASN A 104 6.41 -27.69 -20.66
C ASN A 104 5.62 -26.66 -19.85
N ALA A 105 4.34 -26.97 -19.64
CA ALA A 105 3.48 -26.09 -18.84
C ALA A 105 3.94 -26.02 -17.40
N TYR A 106 4.61 -27.07 -16.91
CA TYR A 106 5.10 -27.06 -15.54
C TYR A 106 6.16 -25.99 -15.33
N ARG A 107 7.15 -25.95 -16.22
CA ARG A 107 8.23 -24.97 -16.08
C ARG A 107 7.70 -23.54 -16.16
N VAL A 108 6.77 -23.28 -17.08
CA VAL A 108 6.17 -21.95 -17.19
C VAL A 108 5.38 -21.63 -15.93
N SER A 109 4.63 -22.61 -15.42
CA SER A 109 3.82 -22.38 -14.22
C SER A 109 4.69 -22.10 -13.01
N ARG A 110 5.80 -22.82 -12.86
CA ARG A 110 6.71 -22.57 -11.74
C ARG A 110 7.31 -21.17 -11.84
N LEU A 111 7.56 -20.68 -13.06
CA LEU A 111 8.08 -19.33 -13.22
C LEU A 111 7.04 -18.28 -12.84
N ILE A 112 5.79 -18.48 -13.27
CA ILE A 112 4.73 -17.54 -12.94
C ILE A 112 4.53 -17.46 -11.43
N HIS A 113 4.49 -18.61 -10.77
CA HIS A 113 4.41 -18.64 -9.31
C HIS A 113 5.57 -17.85 -8.69
N LEU A 114 6.78 -18.05 -9.22
CA LEU A 114 7.94 -17.36 -8.68
C LEU A 114 7.81 -15.85 -8.81
N LEU A 115 7.39 -15.38 -9.98
CA LEU A 115 7.14 -13.95 -10.15
C LEU A 115 6.04 -13.45 -9.22
N HIS A 116 5.05 -14.30 -8.93
CA HIS A 116 4.02 -13.93 -7.96
C HIS A 116 4.64 -13.74 -6.58
N ASN A 117 5.48 -14.68 -6.15
CA ASN A 117 6.14 -14.53 -4.86
C ASN A 117 7.08 -13.33 -4.84
N GLY A 118 7.62 -12.95 -6.00
CA GLY A 118 8.41 -11.74 -6.07
C GLY A 118 7.60 -10.49 -5.78
N LEU A 119 6.40 -10.42 -6.35
CA LEU A 119 5.49 -9.33 -6.00
C LEU A 119 5.19 -9.32 -4.51
N ARG A 120 4.89 -10.49 -3.95
CA ARG A 120 4.63 -10.59 -2.52
C ARG A 120 5.81 -10.11 -1.70
N SER A 121 7.03 -10.52 -2.08
CA SER A 121 8.22 -10.13 -1.33
C SER A 121 8.52 -8.64 -1.51
N THR A 122 8.33 -8.11 -2.71
CA THR A 122 8.57 -6.68 -2.92
C THR A 122 7.65 -5.83 -2.04
N ARG A 123 6.36 -6.18 -1.99
CA ARG A 123 5.44 -5.46 -1.12
C ARG A 123 5.86 -5.56 0.35
N ASP A 124 6.29 -6.75 0.77
CA ASP A 124 6.75 -6.93 2.14
C ASP A 124 7.97 -6.07 2.43
N GLN A 125 8.89 -5.95 1.47
CA GLN A 125 10.08 -5.15 1.68
C GLN A 125 9.75 -3.67 1.80
N LEU A 126 8.74 -3.21 1.05
CA LEU A 126 8.34 -1.81 1.13
C LEU A 126 7.84 -1.45 2.53
N VAL A 127 7.11 -2.36 3.17
CA VAL A 127 6.54 -2.05 4.47
C VAL A 127 7.56 -2.19 5.60
N LYS A 128 8.65 -2.93 5.38
CA LYS A 128 9.68 -3.12 6.40
C LYS A 128 10.64 -1.96 6.49
N LEU A 129 10.67 -1.07 5.50
CA LEU A 129 11.57 0.08 5.53
C LEU A 129 11.18 1.05 6.65
N SER A 130 12.17 1.83 7.09
CA SER A 130 11.90 2.85 8.10
C SER A 130 10.95 3.92 7.59
N ARG A 131 10.91 4.12 6.27
CA ARG A 131 9.97 5.05 5.66
C ARG A 131 9.79 4.65 4.21
N LYS A 132 8.69 5.09 3.62
CA LYS A 132 8.49 4.88 2.20
C LYS A 132 9.50 5.72 1.42
N PRO A 133 10.07 5.19 0.34
CA PRO A 133 10.97 5.99 -0.48
C PRO A 133 10.22 7.09 -1.21
N ASP A 134 10.93 8.18 -1.48
CA ASP A 134 10.36 9.29 -2.23
C ASP A 134 9.98 8.85 -3.64
N TYR A 135 8.87 9.40 -4.14
CA TYR A 135 8.37 9.00 -5.45
C TYR A 135 9.30 9.43 -6.58
N ASP A 136 10.05 10.51 -6.38
CA ASP A 136 10.88 11.06 -7.45
C ASP A 136 12.30 10.51 -7.45
N SER A 137 12.66 9.66 -6.50
CA SER A 137 14.00 9.09 -6.40
C SER A 137 13.97 7.63 -6.78
N GLN A 138 15.15 7.09 -7.06
CA GLN A 138 15.28 5.68 -7.41
C GLN A 138 14.98 4.81 -6.19
N SER A 139 14.28 3.70 -6.42
CA SER A 139 13.94 2.80 -5.34
C SER A 139 13.88 1.37 -5.86
N PHE A 140 14.39 0.45 -5.05
CA PHE A 140 14.28 -0.97 -5.36
C PHE A 140 12.82 -1.37 -5.57
N HIS A 141 11.92 -0.84 -4.72
CA HIS A 141 10.52 -1.23 -4.78
C HIS A 141 9.90 -0.93 -6.14
N LYS A 142 10.15 0.27 -6.66
CA LYS A 142 9.50 0.68 -7.90
C LYS A 142 10.03 -0.12 -9.10
N GLU A 143 11.35 -0.24 -9.22
CA GLU A 143 11.92 -0.93 -10.38
C GLU A 143 11.63 -2.41 -10.34
N MET A 144 11.74 -3.04 -9.17
CA MET A 144 11.46 -4.48 -9.09
C MET A 144 10.01 -4.77 -9.40
N MET A 145 9.10 -3.89 -8.98
CA MET A 145 7.69 -4.08 -9.28
C MET A 145 7.44 -4.00 -10.78
N ASN A 146 8.06 -3.01 -11.45
CA ASN A 146 7.89 -2.89 -12.90
C ASN A 146 8.49 -4.08 -13.63
N PHE A 147 9.61 -4.61 -13.13
CA PHE A 147 10.24 -5.76 -13.80
C PHE A 147 9.36 -6.99 -13.73
N LEU A 148 8.78 -7.26 -12.56
CA LEU A 148 7.91 -8.41 -12.38
C LEU A 148 6.64 -8.28 -13.21
N ASN A 150 6.18 -6.44 -15.93
CA ASN A 150 6.50 -6.55 -17.35
C ASN A 150 6.83 -7.99 -17.71
N SER A 151 7.51 -8.69 -16.80
CA SER A 151 7.79 -10.10 -17.01
C SER A 151 6.50 -10.91 -17.08
N LEU A 152 5.52 -10.57 -16.24
CA LEU A 152 4.24 -11.27 -16.28
C LEU A 152 3.45 -10.93 -17.53
N LYS A 153 3.60 -9.71 -18.05
CA LYS A 153 2.94 -9.37 -19.31
C LYS A 153 3.48 -10.19 -20.46
N ASP A 154 4.81 -10.35 -20.52
CA ASP A 154 5.41 -11.11 -21.62
C ASP A 154 4.96 -12.57 -21.59
N ILE A 155 4.79 -13.14 -20.40
CA ILE A 155 4.37 -14.53 -20.31
C ILE A 155 2.90 -14.67 -20.68
N SER A 156 2.06 -13.73 -20.23
CA SER A 156 0.65 -13.78 -20.57
C SER A 156 0.44 -13.66 -22.07
N ASP A 157 1.24 -12.82 -22.73
CA ASP A 157 1.08 -12.65 -24.18
C ASP A 157 1.58 -13.87 -24.94
N ASP A 158 2.64 -14.51 -24.44
CA ASP A 158 3.14 -15.73 -25.08
C ASP A 158 2.15 -16.88 -24.94
N ILE A 159 1.37 -16.90 -23.87
CA ILE A 159 0.34 -17.92 -23.72
C ILE A 159 -0.86 -17.61 -24.61
N LEU A 160 -1.28 -16.33 -24.66
CA LEU A 160 -2.41 -15.97 -25.51
C LEU A 160 -2.07 -16.13 -26.99
N ILE A 161 -0.79 -16.10 -27.36
CA ILE A 161 -0.36 -16.36 -28.72
C ILE A 161 -0.19 -17.86 -28.96
N GLY A 162 0.45 -18.56 -28.03
CA GLY A 162 0.58 -20.00 -28.13
C GLY A 162 2.02 -20.49 -28.12
N LYS A 163 2.95 -19.60 -27.76
CA LYS A 163 4.36 -19.99 -27.71
C LYS A 163 4.61 -21.00 -26.60
N VAL A 164 4.05 -20.75 -25.42
CA VAL A 164 4.26 -21.61 -24.25
C VAL A 164 2.91 -22.03 -23.71
N SER A 165 2.90 -23.17 -23.03
CA SER A 165 1.70 -23.69 -22.39
C SER A 165 1.74 -23.44 -20.89
N VAL A 166 0.57 -23.52 -20.27
CA VAL A 166 0.45 -23.30 -18.82
C VAL A 166 -0.64 -24.20 -18.29
N SER A 167 -0.52 -24.57 -17.02
CA SER A 167 -1.48 -25.41 -16.34
C SER A 167 -2.45 -24.54 -15.53
N GLY A 168 -3.41 -25.18 -14.88
CA GLY A 168 -4.32 -24.46 -14.02
C GLY A 168 -3.63 -23.86 -12.80
N TYR A 169 -2.57 -24.52 -12.32
CA TYR A 169 -1.77 -23.97 -11.24
C TYR A 169 -1.05 -22.70 -11.69
N GLY A 170 -0.47 -22.71 -12.89
CA GLY A 170 0.16 -21.52 -13.42
C GLY A 170 -0.84 -20.45 -13.81
N ALA A 171 -2.03 -20.84 -14.25
CA ALA A 171 -3.05 -19.88 -14.65
C ALA A 171 -3.53 -19.07 -13.45
N THR A 172 -3.66 -19.71 -12.28
CA THR A 172 -4.14 -19.00 -11.10
C THR A 172 -3.13 -17.97 -10.62
N HIS A 173 -1.84 -18.34 -10.60
CA HIS A 173 -0.82 -17.38 -10.16
C HIS A 173 -0.69 -16.22 -11.14
N LEU A 174 -0.93 -16.47 -12.44
CA LEU A 174 -0.86 -15.38 -13.41
C LEU A 174 -1.97 -14.37 -13.19
N LEU A 175 -3.22 -14.85 -13.06
CA LEU A 175 -4.37 -13.99 -12.86
C LEU A 175 -4.38 -13.36 -11.47
N THR A 176 -3.94 -14.10 -10.44
CA THR A 176 -3.85 -13.50 -9.11
C THR A 176 -2.83 -12.37 -9.10
N SER A 177 -1.71 -12.55 -9.80
CA SER A 177 -0.70 -11.49 -9.87
C SER A 177 -1.26 -10.24 -10.51
N PHE A 178 -1.94 -10.38 -11.66
CA PHE A 178 -2.54 -9.23 -12.30
C PHE A 178 -3.63 -8.59 -11.44
N LYS A 179 -4.31 -9.39 -10.63
CA LYS A 179 -5.27 -8.81 -9.68
C LYS A 179 -4.56 -8.00 -8.62
N GLU A 180 -3.47 -8.53 -8.05
CA GLU A 180 -2.70 -7.79 -7.06
C GLU A 180 -2.08 -6.52 -7.64
N LEU A 181 -1.90 -6.46 -8.96
CA LEU A 181 -1.44 -5.26 -9.64
C LEU A 181 -2.58 -4.33 -10.02
N SER A 182 -3.79 -4.60 -9.53
CA SER A 182 -4.98 -3.77 -9.80
C SER A 182 -5.33 -3.77 -11.30
N PHE A 183 -5.24 -4.93 -11.93
CA PHE A 183 -5.61 -5.05 -13.34
C PHE A 183 -6.77 -6.01 -13.50
N ASP A 184 -7.86 -5.74 -12.78
CA ASP A 184 -9.00 -6.67 -12.76
C ASP A 184 -9.58 -6.88 -14.16
N ASP A 185 -9.76 -5.79 -14.91
CA ASP A 185 -10.33 -5.91 -16.24
C ASP A 185 -9.44 -6.72 -17.16
N ASP A 186 -8.12 -6.58 -17.02
CA ASP A 186 -7.21 -7.39 -17.82
C ASP A 186 -7.30 -8.87 -17.45
N CYS A 187 -7.59 -9.18 -16.19
CA CYS A 187 -7.77 -10.57 -15.78
C CYS A 187 -8.94 -11.21 -16.50
N ILE A 188 -10.03 -10.46 -16.69
CA ILE A 188 -11.19 -11.01 -17.39
C ILE A 188 -10.90 -11.21 -18.86
N ARG A 189 -10.17 -10.27 -19.48
CA ARG A 189 -9.83 -10.40 -20.89
C ARG A 189 -8.94 -11.62 -21.12
N ILE A 190 -7.89 -11.78 -20.30
CA ILE A 190 -6.98 -12.91 -20.46
C ILE A 190 -7.73 -14.22 -20.26
N TRP A 191 -8.59 -14.28 -19.24
CA TRP A 191 -9.31 -15.51 -18.96
C TRP A 191 -10.27 -15.88 -20.09
N GLU A 192 -11.06 -14.90 -20.55
CA GLU A 192 -12.03 -15.20 -21.60
C GLU A 192 -11.36 -15.37 -22.95
N ALA A 193 -10.18 -14.77 -23.16
CA ALA A 193 -9.45 -15.02 -24.39
C ALA A 193 -8.84 -16.41 -24.40
N SER A 194 -8.65 -17.03 -23.24
CA SER A 194 -8.14 -18.38 -23.18
C SER A 194 -9.15 -19.40 -23.71
N LYS A 195 -10.44 -19.02 -23.77
CA LYS A 195 -11.44 -19.93 -24.33
C LYS A 195 -11.16 -20.22 -25.79
N ASN A 196 -10.80 -19.19 -26.56
CA ASN A 196 -10.55 -19.34 -28.00
C ASN A 196 -9.06 -19.44 -28.28
N LEU A 197 -8.44 -20.48 -27.74
CA LEU A 197 -7.04 -20.79 -27.98
C LEU A 197 -6.91 -22.10 -28.75
N SER A 198 -5.90 -22.15 -29.63
CA SER A 198 -5.68 -23.35 -30.42
C SER A 198 -5.31 -24.54 -29.54
N ASP A 199 -4.36 -24.35 -28.63
CA ASP A 199 -3.95 -25.41 -27.71
C ASP A 199 -5.08 -25.64 -26.72
N GLU A 200 -5.87 -26.69 -26.95
CA GLU A 200 -7.02 -26.96 -26.10
C GLU A 200 -6.61 -27.27 -24.67
N THR A 201 -5.39 -27.80 -24.48
CA THR A 201 -4.93 -28.16 -23.15
C THR A 201 -4.85 -26.93 -22.24
N THR A 202 -4.19 -25.87 -22.70
CA THR A 202 -4.13 -24.64 -21.91
C THR A 202 -5.50 -23.99 -21.80
N SER A 203 -6.33 -24.12 -22.83
CA SER A 203 -7.68 -23.58 -22.76
C SER A 203 -8.49 -24.30 -21.69
N GLN A 204 -8.29 -25.61 -21.55
CA GLN A 204 -8.97 -26.36 -20.50
C GLN A 204 -8.42 -26.01 -19.12
N ALA A 205 -7.13 -25.67 -19.04
CA ALA A 205 -6.54 -25.33 -17.75
C ALA A 205 -7.17 -24.07 -17.17
N PHE A 206 -7.46 -23.08 -18.03
CA PHE A 206 -8.09 -21.86 -17.57
C PHE A 206 -9.55 -22.04 -17.18
N GLN A 207 -10.14 -23.21 -17.44
CA GLN A 207 -11.51 -23.50 -17.04
C GLN A 207 -11.59 -24.45 -15.85
N GLU A 208 -10.44 -24.81 -15.27
CA GLU A 208 -10.43 -25.68 -14.11
C GLU A 208 -11.09 -24.98 -12.91
N PRO A 209 -11.64 -25.76 -11.97
CA PRO A 209 -12.39 -25.15 -10.85
C PRO A 209 -11.62 -24.13 -10.06
N LYS A 210 -10.32 -24.35 -9.82
CA LYS A 210 -9.57 -23.39 -9.02
C LYS A 210 -9.35 -22.07 -9.76
N VAL A 211 -9.32 -22.11 -11.09
CA VAL A 211 -9.25 -20.87 -11.86
C VAL A 211 -10.60 -20.17 -11.87
N VAL A 212 -11.69 -20.94 -11.97
CA VAL A 212 -13.03 -20.36 -11.88
C VAL A 212 -13.24 -19.72 -10.52
N GLY A 213 -12.73 -20.35 -9.46
CA GLY A 213 -12.86 -19.79 -8.14
C GLY A 213 -12.24 -18.41 -8.02
N PHE A 214 -11.05 -18.22 -8.60
CA PHE A 214 -10.46 -16.89 -8.62
C PHE A 214 -11.32 -15.92 -9.41
N MET A 215 -11.96 -16.39 -10.47
CA MET A 215 -12.65 -15.50 -11.39
C MET A 215 -14.00 -15.04 -10.86
N LEU A 216 -14.66 -15.86 -10.04
CA LEU A 216 -16.01 -15.54 -9.57
C LEU A 216 -16.11 -14.16 -8.92
N PRO A 217 -15.23 -13.77 -7.99
CA PRO A 217 -15.36 -12.41 -7.42
C PRO A 217 -15.21 -11.30 -8.45
N LEU A 218 -14.38 -11.49 -9.47
CA LEU A 218 -14.25 -10.48 -10.51
C LEU A 218 -15.49 -10.45 -11.40
N LEU A 219 -16.09 -11.60 -11.68
CA LEU A 219 -17.28 -11.64 -12.51
C LEU A 219 -18.48 -11.04 -11.80
N TYR A 220 -18.61 -11.30 -10.50
CA TYR A 220 -19.72 -10.71 -9.74
C TYR A 220 -19.56 -9.20 -9.62
N ALA A 221 -18.33 -8.71 -9.53
CA ALA A 221 -18.11 -7.27 -9.50
C ALA A 221 -18.60 -6.62 -10.79
N LYS A 222 -18.38 -7.29 -11.93
CA LYS A 222 -18.77 -6.71 -13.22
C LYS A 222 -20.24 -6.95 -13.51
N THR A 223 -20.70 -8.19 -13.43
CA THR A 223 -22.04 -8.54 -13.87
C THR A 223 -23.09 -8.35 -12.78
N ARG A 224 -22.71 -8.48 -11.51
CA ARG A 224 -23.64 -8.51 -10.39
C ARG A 224 -24.67 -9.62 -10.52
N SER A 225 -24.37 -10.64 -11.30
CA SER A 225 -25.29 -11.75 -11.53
C SER A 225 -25.05 -12.84 -10.50
N LEU A 226 -26.13 -13.28 -9.86
CA LEU A 226 -26.07 -14.40 -8.92
C LEU A 226 -26.57 -15.70 -9.55
N THR A 227 -26.87 -15.68 -10.85
CA THR A 227 -27.38 -16.86 -11.54
C THR A 227 -26.37 -18.00 -11.52
N GLU A 228 -25.23 -17.80 -12.18
CA GLU A 228 -24.18 -18.81 -12.17
C GLU A 228 -23.67 -19.12 -10.76
N PRO A 229 -23.47 -18.15 -9.85
CA PRO A 229 -23.12 -18.53 -8.47
C PRO A 229 -24.14 -19.43 -7.79
N ASN A 230 -25.43 -19.07 -7.83
CA ASN A 230 -26.44 -19.88 -7.14
C ASN A 230 -26.54 -21.28 -7.74
N GLU A 231 -26.35 -21.41 -9.05
CA GLU A 231 -26.32 -22.74 -9.65
C GLU A 231 -25.13 -23.55 -9.15
N LEU A 232 -23.95 -22.91 -9.07
CA LEU A 232 -22.80 -23.57 -8.49
C LEU A 232 -23.00 -23.89 -7.02
N TYR A 233 -23.72 -23.04 -6.29
CA TYR A 233 -24.00 -23.33 -4.89
C TYR A 233 -24.83 -24.60 -4.74
N ASN A 234 -25.82 -24.80 -5.62
CA ASN A 234 -26.65 -25.99 -5.53
C ASN A 234 -25.85 -27.25 -5.83
N GLN A 235 -24.89 -27.18 -6.74
CA GLN A 235 -24.10 -28.36 -7.07
C GLN A 235 -23.10 -28.68 -5.97
N ILE A 236 -22.51 -27.67 -5.35
CA ILE A 236 -21.39 -27.88 -4.44
C ILE A 236 -21.87 -28.34 -3.07
N ILE A 237 -23.01 -27.80 -2.60
CA ILE A 237 -23.47 -28.08 -1.24
C ILE A 237 -23.68 -29.58 -1.04
N GLN A 238 -24.26 -30.25 -2.04
CA GLN A 238 -24.61 -31.66 -1.91
C GLN A 238 -23.66 -32.58 -2.66
N SER A 239 -22.52 -32.08 -3.12
CA SER A 239 -21.60 -32.88 -3.92
C SER A 239 -20.70 -33.72 -3.03
N LYS A 240 -20.58 -35.00 -3.35
CA LYS A 240 -19.62 -35.89 -2.70
C LYS A 240 -18.29 -35.94 -3.42
N GLU A 241 -18.16 -35.26 -4.56
CA GLU A 241 -16.92 -35.25 -5.31
C GLU A 241 -15.98 -34.19 -4.73
N PHE A 242 -14.74 -34.21 -5.24
CA PHE A 242 -13.74 -33.25 -4.78
C PHE A 242 -14.06 -31.85 -5.30
N ILE A 243 -14.16 -30.90 -4.39
CA ILE A 243 -14.45 -29.50 -4.72
C ILE A 243 -13.24 -28.68 -4.31
N HIS A 244 -12.62 -28.01 -5.28
CA HIS A 244 -11.36 -27.33 -5.00
C HIS A 244 -11.59 -26.20 -4.01
N PRO A 245 -10.73 -26.07 -2.99
CA PRO A 245 -10.91 -25.01 -1.99
C PRO A 245 -10.99 -23.61 -2.59
N ASN A 246 -10.25 -23.33 -3.66
CA ASN A 246 -10.32 -22.00 -4.27
C ASN A 246 -11.67 -21.74 -4.92
N LEU A 247 -12.39 -22.81 -5.31
CA LEU A 247 -13.75 -22.63 -5.78
C LEU A 247 -14.68 -22.27 -4.63
N TYR A 248 -14.50 -22.93 -3.48
CA TYR A 248 -15.18 -22.50 -2.26
C TYR A 248 -14.90 -21.03 -1.97
N SER A 249 -13.62 -20.64 -2.03
CA SER A 249 -13.22 -19.31 -1.58
C SER A 249 -13.87 -18.22 -2.44
N GLY A 250 -13.77 -18.34 -3.76
CA GLY A 250 -14.38 -17.35 -4.63
C GLY A 250 -15.88 -17.27 -4.46
N LEU A 251 -16.54 -18.43 -4.28
CA LEU A 251 -17.98 -18.44 -4.11
C LEU A 251 -18.40 -17.82 -2.78
N ILE A 252 -17.62 -18.06 -1.73
CA ILE A 252 -17.89 -17.42 -0.44
C ILE A 252 -17.76 -15.91 -0.56
N LYS A 253 -16.71 -15.44 -1.23
CA LYS A 253 -16.49 -14.00 -1.37
C LYS A 253 -17.63 -13.34 -2.12
N VAL A 254 -18.13 -13.97 -3.18
CA VAL A 254 -19.26 -13.43 -3.93
C VAL A 254 -20.47 -13.28 -3.02
N PHE A 255 -20.79 -14.33 -2.25
CA PHE A 255 -21.95 -14.30 -1.39
C PHE A 255 -21.80 -13.33 -0.22
N ILE A 256 -20.56 -13.05 0.19
CA ILE A 256 -20.34 -12.02 1.21
C ILE A 256 -20.68 -10.65 0.64
N LYS A 257 -20.16 -10.35 -0.56
CA LYS A 257 -20.52 -9.10 -1.23
C LYS A 257 -22.01 -9.02 -1.50
N ALA A 258 -22.62 -10.13 -1.92
CA ALA A 258 -24.05 -10.14 -2.16
C ALA A 258 -24.87 -10.16 -0.88
N GLU A 259 -24.21 -10.27 0.27
CA GLU A 259 -24.85 -10.29 1.59
C GLU A 259 -25.78 -11.49 1.77
N ASP A 260 -25.61 -12.53 0.94
CA ASP A 260 -26.24 -13.82 1.19
C ASP A 260 -25.34 -14.60 2.13
N TYR A 261 -25.37 -14.17 3.40
CA TYR A 261 -24.40 -14.67 4.38
C TYR A 261 -24.63 -16.13 4.72
N GLU A 262 -25.88 -16.60 4.70
CA GLU A 262 -26.15 -17.99 5.04
C GLU A 262 -25.50 -18.94 4.03
N LYS A 263 -25.52 -18.58 2.75
CA LYS A 263 -24.80 -19.38 1.75
C LYS A 263 -23.29 -19.22 1.89
N ALA A 264 -22.84 -18.04 2.30
CA ALA A 264 -21.40 -17.83 2.51
C ALA A 264 -20.90 -18.62 3.71
N LEU A 265 -21.66 -18.64 4.81
CA LEU A 265 -21.25 -19.38 5.99
C LEU A 265 -21.40 -20.89 5.79
N SER A 266 -22.38 -21.32 5.00
CA SER A 266 -22.55 -22.74 4.75
C SER A 266 -21.38 -23.31 3.95
N LEU A 267 -20.99 -22.62 2.89
CA LEU A 267 -19.82 -23.04 2.13
C LEU A 267 -18.54 -22.93 2.95
N PHE A 268 -18.47 -21.94 3.85
CA PHE A 268 -17.30 -21.77 4.69
C PHE A 268 -17.12 -22.96 5.62
N GLY A 269 -18.23 -23.49 6.16
CA GLY A 269 -18.14 -24.67 7.01
C GLY A 269 -17.63 -25.89 6.26
N GLN A 270 -18.10 -26.09 5.03
CA GLN A 270 -17.62 -27.21 4.23
C GLN A 270 -16.16 -27.04 3.87
N LEU A 271 -15.73 -25.81 3.57
CA LEU A 271 -14.35 -25.53 3.24
C LEU A 271 -13.43 -25.90 4.41
N GLU A 273 -13.92 -28.15 7.00
CA GLU A 273 -13.82 -29.57 7.33
C GLU A 273 -13.01 -30.34 6.31
N LYS A 274 -12.90 -29.80 5.10
CA LYS A 274 -12.17 -30.44 4.02
C LYS A 274 -10.75 -29.91 3.84
N ALA A 275 -10.43 -28.76 4.44
CA ALA A 275 -9.16 -28.11 4.19
C ALA A 275 -7.99 -28.91 4.75
N GLU A 276 -6.87 -28.86 4.04
CA GLU A 276 -5.65 -29.55 4.46
C GLU A 276 -4.75 -28.60 5.23
N VAL A 277 -4.07 -29.14 6.24
CA VAL A 277 -3.24 -28.33 7.13
C VAL A 277 -2.16 -27.60 6.35
N ARG A 278 -1.51 -28.29 5.40
CA ARG A 278 -0.39 -27.67 4.69
C ARG A 278 -0.84 -26.54 3.78
N ASN A 279 -2.08 -26.59 3.31
CA ASN A 279 -2.61 -25.58 2.38
C ASN A 279 -3.91 -25.00 2.96
N TYR A 280 -3.79 -24.38 4.13
CA TYR A 280 -4.93 -23.81 4.84
C TYR A 280 -5.22 -22.37 4.47
N GLY A 281 -4.42 -21.77 3.59
CA GLY A 281 -4.55 -20.35 3.29
C GLY A 281 -5.91 -19.94 2.75
N TYR A 282 -6.66 -20.89 2.18
CA TYR A 282 -8.00 -20.59 1.70
C TYR A 282 -8.92 -20.14 2.83
N LEU A 283 -8.71 -20.69 4.03
CA LEU A 283 -9.49 -20.27 5.19
C LEU A 283 -9.10 -18.88 5.66
N ILE A 284 -7.86 -18.46 5.39
CA ILE A 284 -7.44 -17.12 5.79
C ILE A 284 -8.12 -16.07 4.92
N GLU A 285 -8.10 -16.26 3.60
CA GLU A 285 -8.71 -15.30 2.69
C GLU A 285 -10.20 -15.15 2.98
N THR A 286 -10.92 -16.26 3.13
CA THR A 286 -12.35 -16.18 3.39
C THR A 286 -12.64 -15.55 4.74
N HIS A 287 -11.94 -15.98 5.79
CA HIS A 287 -12.14 -15.40 7.11
C HIS A 287 -11.93 -13.89 7.07
N LEU A 288 -10.82 -13.43 6.48
CA LEU A 288 -10.58 -12.00 6.36
C LEU A 288 -11.64 -11.32 5.50
N SER A 289 -12.19 -12.03 4.52
CA SER A 289 -13.26 -11.47 3.70
C SER A 289 -14.50 -11.17 4.54
N PHE A 290 -14.81 -12.04 5.52
CA PHE A 290 -15.94 -11.77 6.40
C PHE A 290 -15.71 -10.51 7.23
N ILE A 291 -14.46 -10.18 7.52
CA ILE A 291 -14.16 -9.03 8.36
C ILE A 291 -14.21 -7.75 7.54
N GLY A 292 -13.55 -7.73 6.39
CA GLY A 292 -13.38 -6.50 5.64
C GLY A 292 -14.40 -6.27 4.53
N ASP A 293 -15.18 -7.28 4.18
CA ASP A 293 -16.12 -7.16 3.07
C ASP A 293 -17.58 -7.31 3.46
N SER A 294 -17.89 -7.83 4.64
CA SER A 294 -19.27 -7.99 5.05
C SER A 294 -19.85 -6.63 5.43
N LYS A 295 -20.92 -6.23 4.74
CA LYS A 295 -21.63 -5.02 5.12
C LYS A 295 -22.36 -5.17 6.45
N ASN A 296 -22.68 -6.40 6.85
CA ASN A 296 -23.24 -6.65 8.18
C ASN A 296 -22.11 -6.58 9.19
N LEU A 297 -22.04 -5.46 9.92
CA LEU A 297 -20.93 -5.22 10.83
C LEU A 297 -20.93 -6.18 12.00
N THR A 298 -22.09 -6.72 12.37
CA THR A 298 -22.15 -7.66 13.49
C THR A 298 -21.47 -8.98 13.12
N LEU A 299 -21.66 -9.44 11.88
CA LEU A 299 -20.95 -10.63 11.42
C LEU A 299 -19.46 -10.36 11.23
N ALA A 300 -19.12 -9.15 10.76
CA ALA A 300 -17.72 -8.81 10.57
C ALA A 300 -16.98 -8.76 11.90
N GLU A 301 -17.61 -8.21 12.94
CA GLU A 301 -16.94 -8.10 14.23
C GLU A 301 -16.79 -9.45 14.91
N SER A 302 -17.74 -10.37 14.71
CA SER A 302 -17.60 -11.70 15.29
C SER A 302 -16.37 -12.39 14.74
N PHE A 303 -16.18 -12.35 13.42
CA PHE A 303 -14.97 -12.93 12.82
C PHE A 303 -13.72 -12.16 13.25
N PHE A 304 -13.85 -10.85 13.50
CA PHE A 304 -12.71 -10.10 14.00
C PHE A 304 -12.33 -10.54 15.41
N ASP A 305 -13.32 -10.82 16.25
CA ASP A 305 -13.04 -11.32 17.59
C ASP A 305 -12.45 -12.71 17.56
N LYS A 306 -12.81 -13.52 16.55
CA LYS A 306 -12.25 -14.86 16.43
C LYS A 306 -10.75 -14.83 16.21
N ILE A 307 -10.22 -13.76 15.62
CA ILE A 307 -8.77 -13.60 15.52
C ILE A 307 -8.21 -13.07 16.83
N ILE A 308 -8.88 -12.08 17.43
CA ILE A 308 -8.39 -11.48 18.67
C ILE A 308 -8.35 -12.51 19.79
N ASN A 309 -9.40 -13.32 19.90
CA ASN A 309 -9.49 -14.33 20.96
C ASN A 309 -8.81 -15.63 20.59
N ASP A 310 -8.20 -15.72 19.41
CA ASP A 310 -7.46 -16.92 18.98
C ASP A 310 -8.34 -18.15 19.00
N GLU A 311 -9.56 -18.00 18.45
CA GLU A 311 -10.57 -19.06 18.48
C GLU A 311 -10.48 -20.04 17.32
N MET A 312 -9.72 -19.71 16.29
CA MET A 312 -9.80 -20.61 15.15
C MET A 312 -8.75 -21.70 15.22
N PRO A 313 -9.03 -22.88 14.67
CA PRO A 313 -8.04 -23.96 14.66
C PRO A 313 -6.90 -23.74 13.69
N TYR A 314 -6.92 -22.69 12.88
CA TYR A 314 -5.86 -22.38 11.95
C TYR A 314 -5.23 -21.03 12.30
N LYS A 315 -3.96 -20.88 11.94
CA LYS A 315 -3.29 -19.59 12.09
C LYS A 315 -3.93 -18.56 11.16
N ILE A 316 -3.89 -17.30 11.58
CA ILE A 316 -4.43 -16.23 10.76
C ILE A 316 -3.78 -14.92 11.19
N ILE A 317 -3.38 -14.14 10.20
CA ILE A 317 -2.83 -12.81 10.43
C ILE A 317 -3.98 -11.82 10.52
N LEU A 318 -3.81 -10.80 11.35
CA LEU A 318 -4.75 -9.69 11.39
C LEU A 318 -4.30 -8.68 10.33
N GLN A 319 -4.61 -9.01 9.08
CA GLN A 319 -4.15 -8.22 7.95
C GLN A 319 -4.68 -6.79 8.06
N VAL A 320 -3.75 -5.82 8.10
CA VAL A 320 -4.15 -4.45 8.41
C VAL A 320 -5.06 -3.88 7.33
N SER A 321 -4.88 -4.29 6.06
CA SER A 321 -5.81 -3.88 5.02
C SER A 321 -7.24 -4.33 5.35
N THR A 322 -7.39 -5.54 5.88
CA THR A 322 -8.68 -6.02 6.31
C THR A 322 -9.22 -5.21 7.48
N VAL A 323 -8.34 -4.86 8.43
CA VAL A 323 -8.78 -4.07 9.58
C VAL A 323 -9.17 -2.67 9.14
N ASN A 324 -8.38 -2.05 8.26
CA ASN A 324 -8.69 -0.71 7.78
C ASN A 324 -10.04 -0.66 7.09
N SER A 325 -10.33 -1.65 6.24
CA SER A 325 -11.63 -1.69 5.57
C SER A 325 -12.76 -1.87 6.58
N PHE A 326 -12.53 -2.68 7.61
CA PHE A 326 -13.54 -2.87 8.65
C PHE A 326 -13.79 -1.58 9.43
N LEU A 327 -12.71 -0.86 9.78
CA LEU A 327 -12.87 0.42 10.45
C LEU A 327 -13.62 1.42 9.59
N GLN A 328 -13.33 1.43 8.29
CA GLN A 328 -13.98 2.39 7.40
C GLN A 328 -15.45 2.08 7.22
N ASN A 329 -15.81 0.79 7.18
CA ASN A 329 -17.21 0.40 7.04
C ASN A 329 -18.00 0.77 8.28
N ILE A 330 -17.40 0.63 9.46
CA ILE A 330 -18.08 1.05 10.69
C ILE A 330 -18.33 2.55 10.69
N TRP A 331 -17.33 3.33 10.25
CA TRP A 331 -17.48 4.78 10.24
C TRP A 331 -18.50 5.22 9.20
N LYS A 332 -18.49 4.61 8.02
CA LYS A 332 -19.45 4.99 6.99
C LYS A 332 -20.88 4.61 7.37
N ALA A 333 -21.06 3.48 8.05
CA ALA A 333 -22.40 2.97 8.32
C ALA A 333 -22.98 3.44 9.64
N GLN A 334 -22.14 3.64 10.66
CA GLN A 334 -22.63 3.91 12.01
C GLN A 334 -22.29 5.30 12.53
N ASN A 335 -21.25 5.95 12.00
CA ASN A 335 -20.81 7.26 12.49
C ASN A 335 -20.49 7.22 13.98
N ASP A 336 -20.10 6.06 14.47
CA ASP A 336 -19.84 5.81 15.89
C ASP A 336 -18.34 5.75 16.10
N PHE A 337 -17.77 6.85 16.59
CA PHE A 337 -16.32 6.89 16.78
C PHE A 337 -15.87 5.93 17.88
N ASP A 338 -16.68 5.78 18.94
CA ASP A 338 -16.32 4.85 20.00
C ASP A 338 -16.20 3.42 19.48
N HIS A 339 -17.08 3.04 18.55
CA HIS A 339 -16.97 1.71 17.95
C HIS A 339 -15.69 1.59 17.14
N VAL A 340 -15.35 2.62 16.37
CA VAL A 340 -14.08 2.64 15.65
C VAL A 340 -12.91 2.63 16.63
N TYR A 341 -13.04 3.38 17.73
CA TYR A 341 -11.96 3.46 18.71
C TYR A 341 -11.76 2.14 19.44
N ARG A 342 -12.85 1.42 19.72
CA ARG A 342 -12.72 0.14 20.42
C ARG A 342 -12.06 -0.91 19.53
N ILE A 343 -12.39 -0.93 18.25
CA ILE A 343 -11.76 -1.90 17.35
C ILE A 343 -10.28 -1.55 17.16
N TRP A 344 -9.97 -0.26 17.04
CA TRP A 344 -8.58 0.16 16.91
C TRP A 344 -7.76 -0.24 18.13
N GLU A 345 -8.35 -0.12 19.33
CA GLU A 345 -7.64 -0.51 20.54
C GLU A 345 -7.32 -2.00 20.54
N LYS A 346 -8.27 -2.84 20.11
CA LYS A 346 -8.02 -4.27 20.06
C LYS A 346 -6.97 -4.61 19.02
N ALA A 347 -6.97 -3.90 17.89
CA ALA A 347 -5.97 -4.16 16.86
C ALA A 347 -4.57 -3.77 17.34
N VAL A 348 -4.46 -2.63 18.03
CA VAL A 348 -3.16 -2.19 18.53
C VAL A 348 -2.61 -3.17 19.56
N LYS A 349 -3.47 -3.67 20.45
CA LYS A 349 -3.02 -4.65 21.43
C LYS A 349 -2.64 -5.97 20.77
N PHE A 350 -3.37 -6.37 19.73
CA PHE A 350 -3.04 -7.60 19.02
C PHE A 350 -1.68 -7.48 18.34
N TYR A 351 -1.42 -6.37 17.67
CA TYR A 351 -0.15 -6.20 16.97
C TYR A 351 1.01 -6.10 17.95
N GLY A 352 0.93 -5.16 18.89
CA GLY A 352 2.02 -4.98 19.85
C GLY A 352 3.32 -4.65 19.13
N ASN A 353 4.36 -5.43 19.44
CA ASN A 353 5.66 -5.29 18.79
C ASN A 353 5.93 -6.41 17.79
N THR A 354 4.92 -7.23 17.48
CA THR A 354 5.12 -8.39 16.63
C THR A 354 5.24 -8.01 15.16
N VAL A 355 4.60 -6.93 14.74
CA VAL A 355 4.51 -6.58 13.33
C VAL A 355 5.47 -5.45 13.02
N ASN A 356 5.66 -5.18 11.73
CA ASN A 356 6.52 -4.11 11.30
C ASN A 356 5.89 -2.75 11.62
N PRO A 357 6.70 -1.70 11.77
CA PRO A 357 6.13 -0.37 12.01
C PRO A 357 5.30 0.15 10.86
N GLY A 358 5.54 -0.34 9.63
CA GLY A 358 4.71 0.07 8.52
C GLY A 358 3.28 -0.43 8.60
N ILE A 359 3.04 -1.51 9.33
CA ILE A 359 1.70 -2.04 9.50
C ILE A 359 0.89 -1.15 10.44
N LEU A 360 1.46 -0.82 11.60
CA LEU A 360 0.78 0.08 12.53
C LEU A 360 0.62 1.47 11.94
N SER A 361 1.56 1.89 11.09
CA SER A 361 1.42 3.16 10.40
C SER A 361 0.18 3.19 9.53
N SER A 362 -0.08 2.11 8.79
CA SER A 362 -1.27 2.04 7.96
C SER A 362 -2.54 2.03 8.80
N LEU A 363 -2.50 1.32 9.94
CA LEU A 363 -3.65 1.30 10.84
C LEU A 363 -3.91 2.69 11.43
N ASN A 364 -2.86 3.33 11.94
CA ASN A 364 -3.03 4.65 12.54
C ASN A 364 -3.46 5.68 11.50
N ASN A 365 -3.08 5.49 10.24
CA ASN A 365 -3.55 6.39 9.18
C ASN A 365 -5.07 6.35 9.08
N THR A 366 -5.65 5.15 9.01
CA THR A 366 -7.09 5.02 8.95
C THR A 366 -7.76 5.58 10.22
N PHE A 367 -7.17 5.31 11.38
CA PHE A 367 -7.79 5.70 12.65
C PHE A 367 -7.78 7.21 12.84
N PHE A 368 -6.64 7.86 12.62
CA PHE A 368 -6.56 9.30 12.84
C PHE A 368 -7.26 10.09 11.75
N THR A 369 -7.40 9.52 10.56
CA THR A 369 -8.25 10.15 9.54
C THR A 369 -9.69 10.20 10.00
N ILE A 370 -10.18 9.09 10.57
CA ILE A 370 -11.52 9.07 11.15
C ILE A 370 -11.58 9.96 12.39
N PHE A 371 -10.52 9.99 13.19
CA PHE A 371 -10.52 10.82 14.39
C PHE A 371 -10.76 12.29 14.05
N PHE A 372 -9.92 12.85 13.18
CA PHE A 372 -10.01 14.28 12.90
C PHE A 372 -11.17 14.64 11.99
N GLU A 373 -11.84 13.66 11.38
CA GLU A 373 -13.13 13.95 10.77
C GLU A 373 -14.21 14.07 11.84
N ASN A 374 -14.13 13.23 12.87
CA ASN A 374 -15.10 13.29 13.95
C ASN A 374 -14.94 14.57 14.77
N TYR A 375 -13.71 14.92 15.13
CA TYR A 375 -13.44 16.11 15.92
C TYR A 375 -13.05 17.30 15.06
N ILE A 376 -13.63 17.40 13.86
CA ILE A 376 -13.28 18.46 12.92
C ILE A 376 -13.58 19.85 13.50
N ASN A 377 -14.63 19.95 14.32
CA ASN A 377 -15.06 21.22 14.88
C ASN A 377 -14.96 21.22 16.40
N ASP A 378 -14.01 20.46 16.96
CA ASP A 378 -13.89 20.35 18.42
C ASP A 378 -12.46 19.93 18.76
N ASN A 379 -11.56 20.91 18.85
CA ASN A 379 -10.19 20.65 19.28
C ASN A 379 -10.06 20.57 20.81
N ILE A 380 -11.11 20.92 21.55
CA ILE A 380 -11.02 20.90 23.01
C ILE A 380 -11.27 19.48 23.54
N ASN A 381 -12.41 18.89 23.18
CA ASN A 381 -12.63 17.49 23.52
C ASN A 381 -11.71 16.57 22.72
N GLY A 382 -11.31 17.00 21.51
CA GLY A 382 -10.39 16.20 20.73
C GLY A 382 -9.02 16.09 21.36
N PHE A 383 -8.52 17.20 21.92
CA PHE A 383 -7.19 17.19 22.54
C PHE A 383 -7.18 16.30 23.78
N ARG A 384 -8.26 16.33 24.56
CA ARG A 384 -8.35 15.42 25.70
C ARG A 384 -8.43 13.97 25.23
N LYS A 385 -9.14 13.72 24.13
CA LYS A 385 -9.22 12.36 23.61
C LYS A 385 -7.88 11.90 23.05
N LEU A 386 -7.12 12.81 22.44
CA LEU A 386 -5.78 12.45 21.95
C LEU A 386 -4.88 12.02 23.09
N GLN A 387 -4.94 12.72 24.23
CA GLN A 387 -4.13 12.34 25.37
C GLN A 387 -4.46 10.94 25.86
N GLU A 388 -5.75 10.59 25.86
CA GLU A 388 -6.16 9.23 26.22
C GLU A 388 -5.61 8.23 25.19
N ILE A 389 -5.61 8.61 23.92
CA ILE A 389 -5.06 7.74 22.87
C ILE A 389 -3.55 7.59 23.05
N ILE A 390 -2.86 8.67 23.38
CA ILE A 390 -1.41 8.60 23.57
C ILE A 390 -1.07 7.74 24.79
N THR A 391 -1.84 7.89 25.87
CA THR A 391 -1.61 7.08 27.05
C THR A 391 -1.85 5.60 26.76
N PHE A 392 -2.93 5.28 26.05
CA PHE A 392 -3.20 3.88 25.70
C PHE A 392 -2.10 3.32 24.80
N TYR A 393 -1.72 4.09 23.77
CA TYR A 393 -0.71 3.61 22.83
C TYR A 393 0.64 3.42 23.52
N SER A 394 0.97 4.28 24.48
CA SER A 394 2.19 4.09 25.25
C SER A 394 2.13 2.80 26.07
N GLY A 395 0.96 2.48 26.62
CA GLY A 395 0.82 1.28 27.43
C GLY A 395 0.97 -0.01 26.66
N VAL A 396 0.84 0.03 25.33
CA VAL A 396 0.97 -1.16 24.51
C VAL A 396 2.40 -1.38 24.04
N LYS A 397 3.06 -0.31 23.59
CA LYS A 397 4.39 -0.41 23.02
C LYS A 397 5.06 0.95 23.08
N LYS A 398 6.36 0.96 22.79
CA LYS A 398 7.06 2.22 22.58
C LYS A 398 6.50 2.91 21.34
N ILE A 399 6.31 4.22 21.43
CA ILE A 399 5.67 4.95 20.34
C ILE A 399 6.60 5.03 19.15
N ASP A 400 6.08 4.72 17.97
CA ASP A 400 6.81 4.88 16.72
C ASP A 400 6.54 6.26 16.15
N GLU A 401 7.42 6.69 15.25
CA GLU A 401 7.29 8.03 14.69
C GLU A 401 6.05 8.19 13.81
N PRO A 402 5.68 7.22 12.96
CA PRO A 402 4.46 7.40 12.15
C PRO A 402 3.22 7.63 12.98
N PHE A 403 3.15 7.11 14.20
CA PHE A 403 2.00 7.36 15.07
C PHE A 403 1.78 8.86 15.24
N PHE A 404 2.82 9.60 15.59
CA PHE A 404 2.71 11.05 15.74
C PHE A 404 2.73 11.79 14.41
N ASN A 405 3.36 11.21 13.38
CA ASN A 405 3.36 11.84 12.06
C ASN A 405 1.94 11.90 11.48
N VAL A 406 1.20 10.80 11.54
CA VAL A 406 -0.18 10.78 11.06
C VAL A 406 -1.02 11.75 11.88
N MET A 407 -0.88 11.71 13.21
CA MET A 407 -1.63 12.61 14.08
C MET A 407 -1.39 14.07 13.71
N LEU A 408 -0.12 14.45 13.55
CA LEU A 408 0.21 15.83 13.24
C LEU A 408 -0.30 16.24 11.86
N THR A 409 -0.16 15.34 10.87
CA THR A 409 -0.64 15.65 9.52
C THR A 409 -2.13 15.96 9.52
N ARG A 410 -2.93 15.05 10.06
CA ARG A 410 -4.38 15.22 10.07
C ARG A 410 -4.84 16.33 10.99
N ALA A 411 -4.02 16.73 11.98
CA ALA A 411 -4.42 17.79 12.89
C ALA A 411 -4.41 19.17 12.26
N SER A 412 -3.97 19.29 11.00
CA SER A 412 -3.98 20.57 10.32
C SER A 412 -5.39 21.14 10.17
N ILE A 413 -6.42 20.30 10.26
CA ILE A 413 -7.79 20.78 10.19
C ILE A 413 -8.11 21.71 11.35
N TRP A 414 -7.47 21.49 12.50
CA TRP A 414 -7.73 22.35 13.65
C TRP A 414 -7.16 23.75 13.47
N HIS A 415 -6.09 23.89 12.69
CA HIS A 415 -5.47 25.18 12.41
C HIS A 415 -5.06 25.90 13.70
N GLU A 416 -4.36 25.17 14.57
CA GLU A 416 -3.90 25.74 15.83
C GLU A 416 -2.44 25.37 16.07
N ARG A 417 -1.68 26.31 16.64
CA ARG A 417 -0.25 26.12 16.84
C ARG A 417 0.05 25.24 18.05
N SER A 418 -0.84 25.23 19.05
CA SER A 418 -0.60 24.46 20.27
C SER A 418 -0.42 22.98 19.97
N ILE A 419 -1.23 22.44 19.04
CA ILE A 419 -1.13 21.03 18.72
C ILE A 419 0.16 20.72 17.96
N ILE A 420 0.71 21.71 17.25
CA ILE A 420 1.98 21.51 16.55
C ILE A 420 3.12 21.41 17.56
N ASP A 421 3.17 22.35 18.50
CA ASP A 421 4.19 22.31 19.54
C ASP A 421 4.01 21.12 20.48
N PHE A 422 2.77 20.65 20.64
CA PHE A 422 2.53 19.48 21.48
C PHE A 422 3.13 18.23 20.85
N ILE A 423 2.91 18.03 19.55
CA ILE A 423 3.46 16.84 18.88
C ILE A 423 4.98 16.94 18.78
N ASP A 424 5.49 18.12 18.44
CA ASP A 424 6.95 18.31 18.35
C ASP A 424 7.61 18.00 19.68
N LYS A 425 6.99 18.42 20.79
CA LYS A 425 7.53 18.12 22.11
C LYS A 425 7.48 16.64 22.42
N ASN A 426 6.44 15.93 21.95
CA ASN A 426 6.29 14.53 22.29
C ASN A 426 7.30 13.63 21.57
N TYR A 427 7.87 14.08 20.45
CA TYR A 427 8.93 13.31 19.80
C TYR A 427 10.10 13.10 20.76
N THR A 428 10.50 14.16 21.47
CA THR A 428 11.60 14.04 22.41
C THR A 428 11.18 13.41 23.73
N LEU A 429 9.93 13.65 24.16
CA LEU A 429 9.47 13.12 25.43
C LEU A 429 9.45 11.60 25.42
N TYR A 430 8.91 11.00 24.36
CA TYR A 430 8.81 9.55 24.25
C TYR A 430 10.03 8.94 23.57
N HIS A 431 11.08 9.73 23.32
CA HIS A 431 12.35 9.27 22.76
C HIS A 431 12.11 8.47 21.47
N ILE A 432 11.57 9.17 20.48
CA ILE A 432 11.19 8.56 19.21
C ILE A 432 12.37 8.52 18.26
N PRO A 433 12.69 7.36 17.68
CA PRO A 433 13.65 7.34 16.57
C PRO A 433 13.16 8.20 15.41
N ARG A 434 13.87 9.28 15.11
CA ARG A 434 13.37 10.28 14.18
C ARG A 434 13.74 9.93 12.74
N THR A 435 12.80 10.21 11.83
CA THR A 435 13.04 10.17 10.39
C THR A 435 12.81 11.56 9.82
N ILE A 436 13.09 11.71 8.52
CA ILE A 436 12.85 12.98 7.85
C ILE A 436 11.38 13.29 7.66
N ILE A 437 10.49 12.31 7.86
CA ILE A 437 9.06 12.54 7.65
C ILE A 437 8.54 13.58 8.64
N SER A 438 8.91 13.45 9.92
CA SER A 438 8.44 14.39 10.93
C SER A 438 8.86 15.81 10.61
N TYR A 439 10.13 16.00 10.28
CA TYR A 439 10.63 17.34 9.97
C TYR A 439 9.94 17.92 8.74
N ARG A 440 9.59 17.07 7.77
CA ARG A 440 8.80 17.53 6.64
C ARG A 440 7.41 17.98 7.07
N ILE A 441 6.76 17.20 7.92
CA ILE A 441 5.40 17.55 8.35
C ILE A 441 5.41 18.77 9.25
N LEU A 442 6.41 18.89 10.13
CA LEU A 442 6.51 20.04 11.00
C LEU A 442 6.64 21.33 10.19
N LEU A 443 7.38 21.29 9.09
CA LEU A 443 7.42 22.45 8.20
C LEU A 443 6.08 22.65 7.51
N LYS A 444 5.48 21.57 6.99
CA LYS A 444 4.19 21.68 6.32
C LYS A 444 3.12 22.23 7.24
N SER A 445 3.19 21.91 8.54
CA SER A 445 2.15 22.32 9.48
C SER A 445 2.04 23.83 9.59
N LEU A 446 3.13 24.56 9.32
CA LEU A 446 3.09 26.02 9.43
C LEU A 446 2.15 26.65 8.41
N GLY A 447 1.86 25.96 7.31
CA GLY A 447 0.91 26.44 6.33
C GLY A 447 -0.54 26.38 6.73
N SER A 448 -0.86 25.78 7.87
CA SER A 448 -2.22 25.70 8.36
C SER A 448 -2.52 26.64 9.51
N ILE A 449 -1.54 27.40 9.99
CA ILE A 449 -1.75 28.34 11.09
C ILE A 449 -1.29 29.71 10.64
N ASP A 450 -1.87 30.74 11.27
CA ASP A 450 -1.44 32.11 11.04
C ASP A 450 -0.44 32.58 12.08
N ASN A 451 -0.44 31.98 13.26
CA ASN A 451 0.43 32.39 14.37
C ASN A 451 1.83 31.82 14.17
N THR A 452 2.52 32.38 13.18
CA THR A 452 3.91 32.04 12.92
C THR A 452 4.52 33.15 12.08
N ASN A 453 5.85 33.12 11.98
CA ASN A 453 6.60 34.14 11.26
C ASN A 453 7.56 33.48 10.28
N ASN A 454 8.19 34.31 9.44
CA ASN A 454 9.17 33.79 8.50
C ASN A 454 10.41 33.24 9.20
N GLU A 455 10.63 33.61 10.46
CA GLU A 455 11.75 33.06 11.22
C GLU A 455 11.51 31.59 11.55
N GLU A 456 10.31 31.26 12.04
CA GLU A 456 10.00 29.87 12.35
C GLU A 456 9.97 29.01 11.09
N ILE A 457 9.50 29.56 9.97
CA ILE A 457 9.51 28.82 8.71
C ILE A 457 10.94 28.50 8.30
N LEU A 458 11.86 29.46 8.48
CA LEU A 458 13.27 29.20 8.20
C LEU A 458 13.84 28.16 9.15
N ASP A 459 13.48 28.25 10.44
CA ASP A 459 14.05 27.32 11.43
C ASP A 459 13.64 25.89 11.13
N ARG A 460 12.36 25.66 10.84
CA ARG A 460 11.91 24.31 10.54
C ARG A 460 12.41 23.84 9.17
N TRP A 461 12.72 24.76 8.26
CA TRP A 461 13.34 24.37 7.01
C TRP A 461 14.82 24.03 7.20
N LEU A 462 15.54 24.84 7.98
CA LEU A 462 16.94 24.57 8.24
C LEU A 462 17.12 23.23 8.96
N GLU A 463 16.30 22.98 9.98
CA GLU A 463 16.41 21.72 10.72
C GLU A 463 16.06 20.52 9.83
N LEU A 464 15.22 20.73 8.82
CA LEU A 464 14.94 19.67 7.87
C LEU A 464 16.16 19.39 6.99
N VAL A 465 16.78 20.44 6.46
CA VAL A 465 17.98 20.26 5.64
C VAL A 465 19.10 19.63 6.48
N LYS A 466 19.20 20.03 7.74
CA LYS A 466 20.19 19.42 8.63
C LYS A 466 19.92 17.93 8.81
N LYS A 467 18.66 17.58 9.11
CA LYS A 467 18.32 16.17 9.30
C LYS A 467 18.46 15.38 8.00
N LEU A 468 18.30 16.03 6.85
CA LEU A 468 18.56 15.35 5.59
C LEU A 468 20.02 14.91 5.49
N ASN A 469 20.94 15.83 5.79
CA ASN A 469 22.36 15.48 5.71
C ASN A 469 22.78 14.58 6.86
N GLU A 470 22.13 14.71 8.02
CA GLU A 470 22.44 13.81 9.13
C GLU A 470 22.12 12.36 8.78
N LEU A 471 21.01 12.14 8.07
CA LEU A 471 20.62 10.81 7.64
C LEU A 471 21.18 10.45 6.26
N GLY A 472 22.17 11.18 5.79
CA GLY A 472 22.87 10.82 4.57
C GLY A 472 22.08 10.99 3.29
N GLN A 473 21.03 11.82 3.30
CA GLN A 473 20.29 12.07 2.07
C GLN A 473 21.17 12.79 1.06
N GLN A 474 21.05 12.38 -0.21
CA GLN A 474 21.91 12.92 -1.25
C GLN A 474 21.56 14.37 -1.56
N TYR A 475 20.33 14.62 -2.01
CA TYR A 475 19.92 15.95 -2.45
C TYR A 475 18.53 16.24 -1.89
N ILE A 476 17.94 17.34 -2.34
CA ILE A 476 16.63 17.78 -1.87
C ILE A 476 15.56 17.20 -2.77
N ALA A 477 14.65 16.42 -2.19
CA ALA A 477 13.60 15.76 -2.95
C ALA A 477 12.40 16.68 -3.11
N ASN A 478 11.42 16.21 -3.91
CA ASN A 478 10.21 16.99 -4.13
C ASN A 478 9.42 17.16 -2.84
N ALA A 479 9.35 16.12 -2.00
CA ALA A 479 8.58 16.21 -0.77
C ALA A 479 9.14 17.27 0.17
N ASP A 480 10.45 17.51 0.10
CA ASP A 480 11.04 18.57 0.92
C ASP A 480 10.59 19.95 0.44
N LEU A 481 10.61 20.17 -0.88
CA LEU A 481 10.18 21.47 -1.41
C LEU A 481 8.68 21.64 -1.34
N SER A 482 7.92 20.54 -1.48
CA SER A 482 6.47 20.62 -1.34
C SER A 482 6.06 21.09 0.05
N ALA A 483 6.82 20.70 1.07
CA ALA A 483 6.52 21.15 2.44
C ALA A 483 6.77 22.64 2.59
N LEU A 484 7.85 23.15 1.99
CA LEU A 484 8.10 24.59 2.03
C LEU A 484 7.07 25.36 1.22
N ARG A 485 6.65 24.81 0.09
CA ARG A 485 5.60 25.43 -0.71
C ARG A 485 4.28 25.46 0.06
N ASP A 486 3.92 24.37 0.72
CA ASP A 486 2.67 24.33 1.48
C ASP A 486 2.67 25.29 2.66
N ALA A 487 3.84 25.64 3.18
CA ALA A 487 3.94 26.57 4.30
C ALA A 487 4.01 28.02 3.87
N THR A 488 4.07 28.29 2.57
CA THR A 488 4.18 29.67 2.09
C THR A 488 3.13 29.97 1.04
N VAL A 489 3.31 29.41 -0.16
CA VAL A 489 2.46 29.76 -1.31
C VAL A 489 1.01 29.37 -1.05
N VAL A 490 0.79 28.14 -0.55
CA VAL A 490 -0.57 27.66 -0.34
C VAL A 490 -1.26 28.49 0.74
N TRP A 491 -0.54 28.83 1.80
CA TRP A 491 -1.10 29.69 2.83
C TRP A 491 -1.45 31.07 2.29
N SER A 492 -0.56 31.64 1.48
CA SER A 492 -0.83 32.95 0.88
C SER A 492 -2.01 32.88 -0.07
N GLN A 493 -2.04 31.88 -0.96
CA GLN A 493 -3.18 31.70 -1.83
C GLN A 493 -4.46 31.48 -1.03
N SER A 494 -4.37 30.77 0.09
CA SER A 494 -5.56 30.53 0.91
C SER A 494 -6.11 31.84 1.48
N LYS A 495 -5.25 32.66 2.07
CA LYS A 495 -5.71 33.92 2.64
C LYS A 495 -6.15 34.89 1.57
N ARG A 496 -5.55 34.83 0.38
CA ARG A 496 -5.99 35.67 -0.73
C ARG A 496 -7.39 35.29 -1.18
N ASP A 497 -7.66 33.98 -1.32
CA ASP A 497 -8.97 33.53 -1.76
C ASP A 497 -10.05 33.82 -0.72
N GLU A 498 -9.68 33.92 0.56
CA GLU A 498 -10.65 34.28 1.58
C GLU A 498 -11.14 35.71 1.39
N LYS A 499 -10.22 36.64 1.16
CA LYS A 499 -10.60 38.04 1.03
C LYS A 499 -11.50 38.27 -0.17
N VAL A 500 -11.22 37.58 -1.28
CA VAL A 500 -12.06 37.73 -2.48
C VAL A 500 -13.45 37.14 -2.23
N PHE A 501 -13.50 35.98 -1.57
CA PHE A 501 -14.78 35.36 -1.27
C PHE A 501 -15.53 36.10 -0.17
N SER A 502 -14.81 36.71 0.77
CA SER A 502 -15.45 37.44 1.85
C SER A 502 -16.16 38.68 1.32
N ALA A 503 -15.58 39.33 0.31
CA ALA A 503 -16.16 40.52 -0.29
C ALA A 503 -16.58 40.24 -1.72
N SER A 537 8.82 39.51 8.28
CA SER A 537 7.88 38.41 8.43
C SER A 537 6.50 38.79 7.89
N GLU A 538 6.47 39.67 6.90
CA GLU A 538 5.21 40.11 6.31
C GLU A 538 4.87 39.39 5.01
N ASP A 539 5.82 38.67 4.41
CA ASP A 539 5.60 38.01 3.13
C ASP A 539 6.27 36.65 3.12
N ARG A 540 5.48 35.59 2.96
CA ARG A 540 6.02 34.24 2.90
C ARG A 540 6.44 33.83 1.49
N ILE A 541 5.80 34.37 0.45
CA ILE A 541 6.15 33.99 -0.91
C ILE A 541 7.56 34.46 -1.26
N GLU A 542 7.95 35.63 -0.74
CA GLU A 542 9.31 36.11 -0.98
C GLU A 542 10.34 35.21 -0.31
N LEU A 543 10.07 34.79 0.93
CA LEU A 543 10.97 33.85 1.59
C LEU A 543 11.03 32.52 0.85
N TYR A 544 9.89 32.08 0.30
CA TYR A 544 9.84 30.83 -0.44
C TYR A 544 10.72 30.90 -1.69
N LEU A 545 10.62 32.00 -2.44
CA LEU A 545 11.44 32.13 -3.65
C LEU A 545 12.91 32.36 -3.30
N LYS A 546 13.19 32.91 -2.13
CA LYS A 546 14.58 33.11 -1.73
C LYS A 546 15.25 31.79 -1.40
N ILE A 547 14.54 30.90 -0.70
CA ILE A 547 15.11 29.60 -0.35
C ILE A 547 15.28 28.72 -1.58
N LEU A 548 14.32 28.79 -2.51
CA LEU A 548 14.43 28.03 -3.75
C LEU A 548 15.70 28.39 -4.50
N LYS A 549 15.93 29.69 -4.71
CA LYS A 549 17.13 30.12 -5.43
C LYS A 549 18.39 29.86 -4.63
N ARG A 550 18.31 29.95 -3.29
CA ARG A 550 19.49 29.73 -2.47
C ARG A 550 19.89 28.26 -2.43
N TYR A 551 18.90 27.35 -2.41
CA TYR A 551 19.16 25.93 -2.27
C TYR A 551 19.02 25.16 -3.58
N THR A 552 18.92 25.86 -4.71
CA THR A 552 18.85 25.18 -6.01
C THR A 552 20.01 24.25 -6.29
N PRO A 553 21.28 24.59 -6.01
CA PRO A 553 22.37 23.64 -6.30
C PRO A 553 22.27 22.33 -5.55
N TYR A 554 21.50 22.27 -4.47
CA TYR A 554 21.32 21.04 -3.71
C TYR A 554 20.09 20.25 -4.16
N PHE A 555 19.46 20.65 -5.25
CA PHE A 555 18.24 19.99 -5.72
C PHE A 555 18.56 18.63 -6.30
N ARG A 556 17.57 17.72 -6.25
CA ARG A 556 17.71 16.44 -6.94
C ARG A 556 17.86 16.66 -8.44
N ALA A 557 17.16 17.65 -8.97
CA ALA A 557 17.24 18.02 -10.38
C ALA A 557 16.86 19.48 -10.51
N THR A 558 17.49 20.17 -11.47
CA THR A 558 17.18 21.59 -11.65
C THR A 558 15.81 21.80 -12.28
N LYS A 559 15.18 20.75 -12.79
CA LYS A 559 13.80 20.86 -13.26
C LYS A 559 12.82 21.07 -12.11
N GLN A 560 13.25 20.85 -10.87
CA GLN A 560 12.42 21.19 -9.73
C GLN A 560 12.21 22.69 -9.62
N VAL A 561 13.09 23.49 -10.22
CA VAL A 561 12.91 24.94 -10.21
C VAL A 561 11.65 25.32 -10.99
N TYR A 562 11.48 24.74 -12.18
CA TYR A 562 10.26 25.00 -12.95
C TYR A 562 9.04 24.43 -12.24
N ARG A 563 9.20 23.26 -11.61
CA ARG A 563 8.07 22.60 -10.95
C ARG A 563 7.53 23.45 -9.81
N TYR A 564 8.41 24.02 -9.00
CA TYR A 564 8.03 24.77 -7.82
C TYR A 564 8.03 26.28 -8.06
N THR A 565 7.88 26.71 -9.31
CA THR A 565 7.82 28.13 -9.64
C THR A 565 6.79 28.35 -10.74
N THR A 566 7.17 28.09 -11.99
CA THR A 566 6.23 28.28 -13.09
C THR A 566 5.11 27.24 -13.05
N GLY A 567 5.45 25.97 -12.80
CA GLY A 567 4.43 24.94 -12.70
C GLY A 567 3.56 25.08 -11.47
N CYS A 568 4.13 25.53 -10.35
CA CYS A 568 3.33 25.75 -9.15
C CYS A 568 2.38 26.93 -9.33
N ALA A 569 2.76 27.91 -10.15
CA ALA A 569 1.88 29.05 -10.40
C ALA A 569 0.64 28.68 -11.19
N GLU A 570 0.69 27.58 -11.96
CA GLU A 570 -0.50 27.14 -12.69
C GLU A 570 -1.59 26.67 -11.74
N SER A 571 -1.22 26.16 -10.57
CA SER A 571 -2.18 25.76 -9.56
C SER A 571 -2.41 26.82 -8.49
N TYR A 572 -1.42 27.66 -8.23
CA TYR A 572 -1.51 28.74 -7.25
C TYR A 572 -1.13 30.04 -7.95
N PRO A 573 -2.10 30.73 -8.56
CA PRO A 573 -1.78 31.88 -9.41
C PRO A 573 -1.18 33.07 -8.68
N ILE A 574 -1.21 33.09 -7.34
CA ILE A 574 -0.59 34.19 -6.61
C ILE A 574 0.92 34.18 -6.80
N LEU A 575 1.48 33.08 -7.28
CA LEU A 575 2.91 33.03 -7.57
C LEU A 575 3.25 33.80 -8.84
N ASN A 576 2.29 34.01 -9.74
CA ASN A 576 2.56 34.70 -10.99
C ASN A 576 2.95 36.17 -10.77
N GLU A 577 2.43 36.80 -9.72
CA GLU A 577 2.73 38.20 -9.47
C GLU A 577 4.08 38.39 -8.77
N TYR A 578 4.76 37.32 -8.38
CA TYR A 578 6.07 37.39 -7.77
C TYR A 578 7.18 36.90 -8.68
N LEU A 579 6.84 36.43 -9.89
CA LEU A 579 7.75 35.63 -10.70
C LEU A 579 8.39 36.38 -11.86
N SER A 580 7.94 37.59 -12.19
CA SER A 580 8.56 38.32 -13.28
C SER A 580 9.98 38.74 -12.96
N GLY A 581 10.37 38.74 -11.69
CA GLY A 581 11.72 39.13 -11.31
C GLY A 581 12.44 38.07 -10.49
N TYR A 582 12.25 36.80 -10.85
CA TYR A 582 12.91 35.72 -10.12
C TYR A 582 14.36 35.55 -10.54
N SER A 583 14.71 35.94 -11.77
CA SER A 583 16.07 35.76 -12.25
C SER A 583 17.05 36.68 -11.52
N ASP A 584 16.61 37.88 -11.15
CA ASP A 584 17.49 38.83 -10.50
C ASP A 584 17.42 38.78 -8.97
N LEU A 585 16.67 37.84 -8.40
CA LEU A 585 16.49 37.81 -6.95
C LEU A 585 17.76 37.34 -6.25
N SER A 586 18.12 38.01 -5.16
CA SER A 586 19.25 37.64 -4.34
C SER A 586 18.77 36.86 -3.12
N ALA A 587 19.71 36.17 -2.47
CA ALA A 587 19.38 35.28 -1.37
C ALA A 587 20.21 35.60 -0.15
N GLU A 588 19.60 35.44 1.02
CA GLU A 588 20.26 35.59 2.31
C GLU A 588 19.68 34.52 3.23
N ASP A 589 20.42 33.42 3.40
CA ASP A 589 19.98 32.29 4.21
C ASP A 589 21.17 31.81 5.04
N ILE A 590 21.06 30.61 5.59
CA ILE A 590 22.11 30.08 6.46
C ILE A 590 22.22 28.57 6.30
N PRO A 591 22.80 28.07 5.21
CA PRO A 591 23.06 26.63 5.11
C PRO A 591 24.29 26.22 5.91
N VAL A 592 24.30 24.95 6.30
CA VAL A 592 25.42 24.38 7.04
C VAL A 592 25.43 22.87 6.79
N PRO A 593 25.77 22.42 5.59
CA PRO A 593 25.62 21.00 5.24
C PRO A 593 26.72 20.15 5.87
N GLN A 594 26.62 18.84 5.63
CA GLN A 594 27.58 17.88 6.14
C GLN A 594 27.82 16.79 5.11
N LEU A 595 26.87 15.87 4.95
CA LEU A 595 26.98 14.76 4.01
C LEU A 595 25.86 14.88 2.98
N HIS A 596 26.24 15.13 1.73
CA HIS A 596 25.27 15.29 0.65
C HIS A 596 25.61 14.39 -0.53
#